data_4OCQ
#
_entry.id   4OCQ
#
_cell.length_a   55.212
_cell.length_b   79.623
_cell.length_c   98.350
_cell.angle_alpha   90.00
_cell.angle_beta   90.00
_cell.angle_gamma   90.00
#
_symmetry.space_group_name_H-M   'P 21 21 21'
#
loop_
_entity.id
_entity.type
_entity.pdbx_description
1 polymer 'N-acetylhexosamine 1-phosphate kinase'
2 non-polymer 2-acetamido-2-deoxy-alpha-D-galactopyranose
3 water water
#
_entity_poly.entity_id   1
_entity_poly.type   'polypeptide(L)'
_entity_poly.pdbx_seq_one_letter_code
;MGSSHHHHHHSSGLVPRGSHMTESNEVLFGIASHFALEGAVTGIEPYGDGHINTTYLVTTDGPRYILQQMNTSIFPDTVN
LMRNVELVTSTLKAQGKETLDIVPTTSGATWAEIDGGAWRVYKFIEHTVSYNLVPNPDVFREAGSAFGDFQNFLSEFDAS
QLTETIAHFHDTPHRFEDFKAALAADKLGRAAACQPEIDFYLSHADQYAVVMDGLRDGSIPLRVTHNDTKLNNILMDATT
GKARAIIDLDTIMPGSMLFDFGDSIRFGASTALEDEKDLSKVHFSTELFRAYTEGFVGELRGSITAREAELLPFSGNLLT
MECGMRFLADYLEGDIYFATKYPEHNLVRTRTQIKLVQEMEQKASETRAIVADIMEAAR
;
_entity_poly.pdbx_strand_id   A
#
loop_
_chem_comp.id
_chem_comp.type
_chem_comp.name
_chem_comp.formula
A2G D-saccharide, alpha linking 2-acetamido-2-deoxy-alpha-D-galactopyranose 'C8 H15 N O6'
#
# COMPACT_ATOMS: atom_id res chain seq x y z
N GLU A 23 -18.23 -9.47 -12.51
CA GLU A 23 -18.68 -10.34 -13.64
C GLU A 23 -19.81 -11.27 -13.20
N SER A 24 -20.40 -11.98 -14.17
CA SER A 24 -21.49 -12.91 -13.89
C SER A 24 -20.98 -14.08 -13.07
N ASN A 25 -21.89 -14.74 -12.35
CA ASN A 25 -21.53 -15.91 -11.57
C ASN A 25 -21.02 -17.05 -12.44
N GLU A 26 -21.68 -17.26 -13.58
CA GLU A 26 -21.28 -18.30 -14.51
C GLU A 26 -19.79 -18.16 -14.89
N VAL A 27 -19.38 -16.95 -15.25
CA VAL A 27 -17.98 -16.67 -15.57
C VAL A 27 -17.06 -16.91 -14.36
N LEU A 28 -17.45 -16.40 -13.20
CA LEU A 28 -16.62 -16.53 -11.99
C LEU A 28 -16.46 -17.96 -11.52
N PHE A 29 -17.55 -18.72 -11.49
CA PHE A 29 -17.49 -20.16 -11.16
C PHE A 29 -16.61 -20.90 -12.18
N GLY A 30 -16.69 -20.50 -13.44
CA GLY A 30 -15.82 -21.03 -14.50
C GLY A 30 -14.35 -20.76 -14.22
N ILE A 31 -14.02 -19.53 -13.81
CA ILE A 31 -12.67 -19.22 -13.38
C ILE A 31 -12.23 -20.12 -12.23
N ALA A 32 -13.09 -20.27 -11.22
CA ALA A 32 -12.73 -21.07 -10.04
C ALA A 32 -12.35 -22.51 -10.40
N SER A 33 -12.99 -23.06 -11.44
CA SER A 33 -12.76 -24.44 -11.87
C SER A 33 -11.34 -24.70 -12.37
N HIS A 34 -10.62 -23.62 -12.67
CA HIS A 34 -9.22 -23.74 -13.14
C HIS A 34 -8.24 -24.03 -12.03
N PHE A 35 -8.67 -23.80 -10.78
CA PHE A 35 -7.77 -23.85 -9.64
C PHE A 35 -8.02 -25.07 -8.75
N ALA A 36 -6.97 -25.49 -8.03
CA ALA A 36 -7.04 -26.69 -7.22
C ALA A 36 -7.73 -26.44 -5.86
N LEU A 37 -9.00 -26.03 -5.92
CA LEU A 37 -9.80 -25.79 -4.72
C LEU A 37 -10.19 -27.11 -4.06
N GLU A 38 -10.36 -27.09 -2.74
CA GLU A 38 -10.65 -28.33 -1.98
C GLU A 38 -12.03 -28.33 -1.32
N GLY A 39 -13.02 -27.87 -2.08
CA GLY A 39 -14.41 -27.90 -1.67
C GLY A 39 -15.25 -27.48 -2.86
N ALA A 40 -16.52 -27.87 -2.85
CA ALA A 40 -17.47 -27.42 -3.87
C ALA A 40 -17.83 -25.96 -3.65
N VAL A 41 -17.76 -25.15 -4.70
CA VAL A 41 -17.99 -23.71 -4.60
C VAL A 41 -19.49 -23.44 -4.38
N THR A 42 -19.80 -22.64 -3.37
CA THR A 42 -21.18 -22.26 -3.08
C THR A 42 -21.46 -20.81 -3.50
N GLY A 43 -20.42 -19.99 -3.52
CA GLY A 43 -20.58 -18.59 -3.91
C GLY A 43 -19.28 -17.87 -4.16
N ILE A 44 -19.33 -16.83 -5.00
CA ILE A 44 -18.20 -15.98 -5.27
C ILE A 44 -18.64 -14.52 -5.27
N GLU A 45 -18.19 -13.77 -4.27
CA GLU A 45 -18.69 -12.41 -4.07
C GLU A 45 -17.57 -11.37 -4.05
N PRO A 46 -17.82 -10.19 -4.65
CA PRO A 46 -16.85 -9.11 -4.56
C PRO A 46 -16.46 -8.86 -3.11
N TYR A 47 -15.17 -8.62 -2.87
CA TYR A 47 -14.60 -8.56 -1.53
C TYR A 47 -13.59 -7.45 -1.39
N GLY A 48 -13.67 -6.69 -0.30
CA GLY A 48 -12.60 -5.78 0.12
C GLY A 48 -12.60 -4.39 -0.48
N ASP A 49 -11.63 -3.58 -0.08
CA ASP A 49 -11.51 -2.22 -0.62
C ASP A 49 -10.12 -1.94 -1.22
N GLY A 50 -9.59 -2.92 -1.94
CA GLY A 50 -8.42 -2.70 -2.78
C GLY A 50 -8.82 -1.83 -3.96
N HIS A 51 -7.92 -0.94 -4.37
CA HIS A 51 -8.19 -0.01 -5.46
C HIS A 51 -7.69 -0.52 -6.78
N ILE A 52 -6.97 -1.64 -6.76
CA ILE A 52 -6.12 -2.03 -7.90
C ILE A 52 -6.63 -3.29 -8.60
N ASN A 53 -6.53 -4.43 -7.91
CA ASN A 53 -7.02 -5.69 -8.47
C ASN A 53 -8.51 -5.84 -8.19
N THR A 54 -9.19 -6.75 -8.88
CA THR A 54 -10.58 -7.05 -8.59
C THR A 54 -10.63 -8.35 -7.79
N THR A 55 -11.16 -8.26 -6.57
CA THR A 55 -11.02 -9.32 -5.57
C THR A 55 -12.39 -9.89 -5.15
N TYR A 56 -12.42 -11.20 -4.92
CA TYR A 56 -13.66 -11.91 -4.60
C TYR A 56 -13.39 -12.89 -3.47
N LEU A 57 -14.41 -13.11 -2.64
CA LEU A 57 -14.39 -14.16 -1.64
C LEU A 57 -15.06 -15.39 -2.22
N VAL A 58 -14.34 -16.51 -2.21
CA VAL A 58 -14.89 -17.79 -2.66
C VAL A 58 -15.31 -18.62 -1.45
N THR A 59 -16.61 -18.84 -1.32
CA THR A 59 -17.16 -19.73 -0.30
C THR A 59 -17.36 -21.11 -0.91
N THR A 60 -16.96 -22.14 -0.18
CA THR A 60 -17.18 -23.53 -0.58
C THR A 60 -17.88 -24.28 0.56
N ASP A 61 -18.12 -25.59 0.36
CA ASP A 61 -18.67 -26.41 1.44
C ASP A 61 -17.64 -26.72 2.54
N GLY A 62 -16.41 -26.26 2.35
CA GLY A 62 -15.37 -26.34 3.37
C GLY A 62 -14.57 -25.05 3.49
N PRO A 63 -13.35 -25.03 2.91
CA PRO A 63 -12.46 -23.87 2.98
C PRO A 63 -12.90 -22.64 2.17
N ARG A 64 -12.38 -21.48 2.57
CA ARG A 64 -12.58 -20.23 1.85
C ARG A 64 -11.34 -19.85 1.05
N TYR A 65 -11.55 -19.07 -0.02
CA TYR A 65 -10.46 -18.63 -0.88
C TYR A 65 -10.66 -17.18 -1.26
N ILE A 66 -9.56 -16.51 -1.59
CA ILE A 66 -9.59 -15.18 -2.21
C ILE A 66 -9.25 -15.37 -3.70
N LEU A 67 -10.14 -14.93 -4.58
CA LEU A 67 -9.88 -14.99 -6.02
C LEU A 67 -9.67 -13.58 -6.52
N GLN A 68 -8.58 -13.36 -7.26
CA GLN A 68 -8.27 -12.04 -7.81
C GLN A 68 -8.02 -12.05 -9.29
N GLN A 69 -8.65 -11.11 -9.99
CA GLN A 69 -8.22 -10.78 -11.33
C GLN A 69 -7.16 -9.70 -11.19
N MET A 70 -5.95 -10.00 -11.65
CA MET A 70 -4.87 -9.02 -11.63
C MET A 70 -5.08 -7.92 -12.66
N ASN A 71 -4.82 -6.68 -12.25
CA ASN A 71 -4.94 -5.53 -13.13
C ASN A 71 -3.71 -5.46 -14.04
N THR A 72 -3.87 -5.89 -15.28
CA THR A 72 -2.74 -5.91 -16.23
C THR A 72 -2.43 -4.53 -16.83
N SER A 73 -3.34 -3.57 -16.67
CA SER A 73 -3.04 -2.17 -17.04
C SER A 73 -1.93 -1.65 -16.14
N ILE A 74 -2.02 -2.00 -14.86
CA ILE A 74 -1.07 -1.55 -13.84
C ILE A 74 0.14 -2.51 -13.77
N PHE A 75 -0.12 -3.82 -13.80
CA PHE A 75 0.94 -4.82 -13.80
C PHE A 75 0.92 -5.61 -15.13
N PRO A 76 1.53 -5.06 -16.20
CA PRO A 76 1.51 -5.77 -17.50
C PRO A 76 2.34 -7.05 -17.53
N ASP A 77 3.41 -7.11 -16.72
CA ASP A 77 4.26 -8.30 -16.70
C ASP A 77 3.78 -9.27 -15.63
N THR A 78 2.71 -10.01 -15.92
CA THR A 78 2.13 -10.95 -14.95
C THR A 78 3.16 -12.01 -14.54
N VAL A 79 3.89 -12.53 -15.51
CA VAL A 79 4.92 -13.54 -15.22
C VAL A 79 5.92 -13.08 -14.16
N ASN A 80 6.50 -11.90 -14.34
CA ASN A 80 7.45 -11.34 -13.38
C ASN A 80 6.80 -11.00 -12.02
N LEU A 81 5.58 -10.47 -12.05
CA LEU A 81 4.84 -10.19 -10.81
C LEU A 81 4.70 -11.47 -9.97
N MET A 82 4.23 -12.53 -10.61
CA MET A 82 3.98 -13.78 -9.89
C MET A 82 5.26 -14.50 -9.49
N ARG A 83 6.33 -14.31 -10.27
CA ARG A 83 7.66 -14.77 -9.86
C ARG A 83 8.10 -14.09 -8.56
N ASN A 84 7.89 -12.78 -8.45
CA ASN A 84 8.20 -12.07 -7.20
C ASN A 84 7.39 -12.60 -6.00
N VAL A 85 6.07 -12.70 -6.18
CA VAL A 85 5.18 -13.20 -5.14
C VAL A 85 5.57 -14.62 -4.71
N GLU A 86 5.83 -15.48 -5.69
CA GLU A 86 6.32 -16.84 -5.44
C GLU A 86 7.61 -16.87 -4.62
N LEU A 87 8.58 -16.02 -4.97
CA LEU A 87 9.87 -15.99 -4.28
C LEU A 87 9.68 -15.53 -2.84
N VAL A 88 8.91 -14.47 -2.65
CA VAL A 88 8.70 -13.90 -1.31
C VAL A 88 7.96 -14.90 -0.41
N THR A 89 6.83 -15.41 -0.89
CA THR A 89 6.02 -16.34 -0.11
C THR A 89 6.78 -17.64 0.17
N SER A 90 7.48 -18.17 -0.84
CA SER A 90 8.22 -19.42 -0.63
C SER A 90 9.35 -19.27 0.39
N THR A 91 9.98 -18.08 0.41
CA THR A 91 11.06 -17.79 1.36
C THR A 91 10.49 -17.71 2.78
N LEU A 92 9.36 -17.01 2.92
CA LEU A 92 8.62 -16.98 4.19
C LEU A 92 8.22 -18.38 4.66
N LYS A 93 7.65 -19.17 3.75
CA LYS A 93 7.24 -20.53 4.09
C LYS A 93 8.43 -21.33 4.60
N ALA A 94 9.58 -21.14 3.95
CA ALA A 94 10.80 -21.88 4.30
C ALA A 94 11.45 -21.41 5.60
N GLN A 95 10.85 -20.42 6.24
CA GLN A 95 11.26 -19.99 7.57
C GLN A 95 10.17 -20.28 8.58
N GLY A 96 9.16 -21.04 8.15
CA GLY A 96 8.00 -21.36 8.97
C GLY A 96 7.12 -20.15 9.30
N LYS A 97 7.09 -19.18 8.41
CA LYS A 97 6.29 -17.96 8.66
C LYS A 97 5.06 -17.92 7.78
N GLU A 98 3.92 -17.60 8.39
CA GLU A 98 2.66 -17.52 7.69
C GLU A 98 2.70 -16.40 6.65
N THR A 99 2.16 -16.68 5.47
CA THR A 99 2.17 -15.72 4.38
C THR A 99 0.96 -15.97 3.49
N LEU A 100 0.92 -15.34 2.31
CA LEU A 100 -0.09 -15.68 1.32
C LEU A 100 0.24 -17.03 0.71
N ASP A 101 -0.77 -17.91 0.70
CA ASP A 101 -0.63 -19.24 0.13
C ASP A 101 -1.30 -19.26 -1.24
N ILE A 102 -0.47 -19.29 -2.28
CA ILE A 102 -0.98 -19.41 -3.65
C ILE A 102 -1.63 -20.77 -3.79
N VAL A 103 -2.85 -20.78 -4.36
CA VAL A 103 -3.50 -22.03 -4.73
C VAL A 103 -3.24 -22.22 -6.22
N PRO A 104 -2.50 -23.28 -6.57
CA PRO A 104 -2.14 -23.50 -7.97
C PRO A 104 -3.34 -23.80 -8.87
N THR A 105 -3.17 -23.60 -10.18
CA THR A 105 -4.13 -24.13 -11.14
C THR A 105 -4.12 -25.66 -11.00
N THR A 106 -5.12 -26.30 -11.58
CA THR A 106 -5.19 -27.77 -11.59
C THR A 106 -4.04 -28.40 -12.39
N SER A 107 -3.28 -27.57 -13.11
CA SER A 107 -2.07 -28.04 -13.81
C SER A 107 -0.78 -27.66 -13.10
N GLY A 108 -0.89 -26.98 -11.95
CA GLY A 108 0.28 -26.66 -11.14
C GLY A 108 0.92 -25.29 -11.36
N ALA A 109 0.28 -24.43 -12.15
CA ALA A 109 0.78 -23.06 -12.36
C ALA A 109 0.39 -22.20 -11.18
N THR A 110 1.07 -21.06 -10.99
CA THR A 110 0.77 -20.16 -9.88
C THR A 110 -0.36 -19.17 -10.21
N TRP A 111 -0.74 -19.11 -11.49
CA TRP A 111 -1.86 -18.26 -11.94
C TRP A 111 -2.34 -18.73 -13.28
N ALA A 112 -3.47 -18.22 -13.74
CA ALA A 112 -4.02 -18.62 -15.02
C ALA A 112 -4.44 -17.42 -15.88
N GLU A 113 -4.17 -17.51 -17.18
CA GLU A 113 -4.68 -16.58 -18.17
C GLU A 113 -5.92 -17.18 -18.79
N ILE A 114 -7.07 -16.56 -18.55
CA ILE A 114 -8.34 -17.10 -18.99
C ILE A 114 -9.12 -16.01 -19.71
N ASP A 115 -9.39 -16.24 -21.00
CA ASP A 115 -10.13 -15.28 -21.83
C ASP A 115 -9.64 -13.83 -21.70
N GLY A 116 -8.33 -13.63 -21.80
CA GLY A 116 -7.76 -12.29 -21.80
C GLY A 116 -7.55 -11.67 -20.43
N GLY A 117 -7.89 -12.40 -19.36
CA GLY A 117 -7.70 -11.92 -17.99
C GLY A 117 -6.73 -12.79 -17.22
N ALA A 118 -6.02 -12.20 -16.26
CA ALA A 118 -5.05 -12.92 -15.44
C ALA A 118 -5.59 -13.11 -14.02
N TRP A 119 -5.63 -14.36 -13.57
CA TRP A 119 -6.29 -14.69 -12.32
C TRP A 119 -5.42 -15.49 -11.40
N ARG A 120 -5.56 -15.24 -10.10
CA ARG A 120 -4.85 -16.00 -9.07
C ARG A 120 -5.75 -16.26 -7.87
N VAL A 121 -5.34 -17.20 -7.02
CA VAL A 121 -6.12 -17.59 -5.85
C VAL A 121 -5.17 -17.75 -4.68
N TYR A 122 -5.59 -17.20 -3.54
CA TYR A 122 -4.89 -17.39 -2.28
C TYR A 122 -5.84 -18.07 -1.31
N LYS A 123 -5.29 -18.85 -0.39
CA LYS A 123 -6.09 -19.36 0.72
C LYS A 123 -6.62 -18.19 1.53
N PHE A 124 -7.86 -18.28 1.99
CA PHE A 124 -8.41 -17.27 2.89
C PHE A 124 -7.72 -17.43 4.24
N ILE A 125 -7.28 -16.33 4.81
CA ILE A 125 -6.55 -16.39 6.08
C ILE A 125 -7.54 -16.30 7.24
N GLU A 126 -7.67 -17.41 7.96
CA GLU A 126 -8.70 -17.61 8.96
C GLU A 126 -8.38 -16.99 10.31
N HIS A 127 -9.43 -16.66 11.06
CA HIS A 127 -9.30 -16.13 12.42
C HIS A 127 -8.56 -14.81 12.47
N THR A 128 -8.84 -13.94 11.50
CA THR A 128 -8.20 -12.62 11.48
C THR A 128 -9.20 -11.48 11.49
N VAL A 129 -8.69 -10.30 11.87
CA VAL A 129 -9.40 -9.05 11.71
C VAL A 129 -8.47 -8.07 11.00
N SER A 130 -9.07 -7.11 10.28
CA SER A 130 -8.27 -6.05 9.66
C SER A 130 -8.99 -4.71 9.79
N TYR A 131 -8.25 -3.63 9.54
CA TYR A 131 -8.72 -2.29 9.83
C TYR A 131 -8.49 -1.32 8.68
N ASN A 132 -9.50 -0.49 8.40
CA ASN A 132 -9.35 0.64 7.49
C ASN A 132 -9.03 1.92 8.26
N LEU A 133 -9.19 1.84 9.57
CA LEU A 133 -9.00 2.98 10.46
C LEU A 133 -8.51 2.44 11.79
N VAL A 134 -7.45 3.05 12.32
CA VAL A 134 -6.89 2.65 13.61
C VAL A 134 -7.90 2.95 14.72
N PRO A 135 -8.28 1.92 15.49
CA PRO A 135 -9.23 2.07 16.61
C PRO A 135 -8.56 2.47 17.93
N ASN A 136 -7.25 2.23 18.03
CA ASN A 136 -6.46 2.53 19.23
C ASN A 136 -4.97 2.41 18.93
N PRO A 137 -4.10 3.06 19.74
CA PRO A 137 -2.66 3.04 19.49
C PRO A 137 -1.99 1.66 19.48
N ASP A 138 -2.54 0.69 20.21
CA ASP A 138 -1.92 -0.65 20.29
C ASP A 138 -1.93 -1.36 18.95
N VAL A 139 -3.03 -1.24 18.22
CA VAL A 139 -3.16 -1.84 16.89
C VAL A 139 -2.10 -1.24 15.96
N PHE A 140 -1.95 0.08 16.01
CA PHE A 140 -1.01 0.77 15.13
C PHE A 140 0.45 0.50 15.50
N ARG A 141 0.72 0.32 16.80
CA ARG A 141 2.04 -0.13 17.25
C ARG A 141 2.34 -1.53 16.72
N GLU A 142 1.35 -2.41 16.78
CA GLU A 142 1.51 -3.76 16.22
C GLU A 142 1.78 -3.69 14.73
N ALA A 143 1.04 -2.84 14.03
CA ALA A 143 1.28 -2.60 12.59
C ALA A 143 2.73 -2.17 12.33
N GLY A 144 3.23 -1.27 13.19
CA GLY A 144 4.59 -0.76 13.09
C GLY A 144 5.62 -1.86 13.28
N SER A 145 5.40 -2.67 14.30
CA SER A 145 6.25 -3.82 14.55
C SER A 145 6.26 -4.80 13.36
N ALA A 146 5.08 -5.04 12.79
CA ALA A 146 4.93 -5.96 11.65
C ALA A 146 5.72 -5.50 10.42
N PHE A 147 5.51 -4.25 10.02
CA PHE A 147 6.24 -3.72 8.85
C PHE A 147 7.74 -3.51 9.07
N GLY A 148 8.11 -3.16 10.30
CA GLY A 148 9.51 -3.01 10.68
C GLY A 148 10.22 -4.35 10.56
N ASP A 149 9.59 -5.38 11.12
CA ASP A 149 10.09 -6.75 11.02
C ASP A 149 10.17 -7.23 9.58
N PHE A 150 9.16 -6.88 8.79
CA PHE A 150 9.12 -7.24 7.39
C PHE A 150 10.28 -6.60 6.61
N GLN A 151 10.68 -5.39 7.01
CA GLN A 151 11.88 -4.75 6.43
C GLN A 151 13.13 -5.59 6.71
N ASN A 152 13.25 -6.09 7.94
CA ASN A 152 14.37 -6.99 8.27
C ASN A 152 14.36 -8.24 7.42
N PHE A 153 13.19 -8.84 7.26
CA PHE A 153 13.03 -10.01 6.41
C PHE A 153 13.45 -9.72 4.97
N LEU A 154 12.97 -8.61 4.41
CA LEU A 154 13.25 -8.28 3.00
C LEU A 154 14.74 -8.01 2.71
N SER A 155 15.47 -7.60 3.74
CA SER A 155 16.91 -7.30 3.61
C SER A 155 17.75 -8.54 3.30
N GLU A 156 17.14 -9.72 3.44
CA GLU A 156 17.81 -10.98 3.10
C GLU A 156 17.90 -11.22 1.59
N PHE A 157 17.11 -10.46 0.82
CA PHE A 157 17.21 -10.48 -0.65
C PHE A 157 18.13 -9.38 -1.13
N ASP A 158 18.85 -9.63 -2.24
CA ASP A 158 19.46 -8.54 -2.98
C ASP A 158 18.50 -8.04 -4.08
N ALA A 159 18.64 -6.76 -4.42
CA ALA A 159 17.72 -6.07 -5.33
C ALA A 159 17.46 -6.80 -6.65
N SER A 160 18.48 -7.46 -7.17
CA SER A 160 18.41 -8.16 -8.46
C SER A 160 17.42 -9.32 -8.47
N GLN A 161 17.11 -9.86 -7.29
CA GLN A 161 16.17 -10.98 -7.18
C GLN A 161 14.72 -10.56 -7.40
N LEU A 162 14.44 -9.29 -7.11
CA LEU A 162 13.08 -8.79 -7.19
C LEU A 162 13.01 -7.60 -8.15
N THR A 163 12.78 -7.91 -9.42
CA THR A 163 12.61 -6.91 -10.47
C THR A 163 11.37 -6.08 -10.14
N GLU A 164 11.47 -4.76 -10.34
CA GLU A 164 10.36 -3.86 -10.06
C GLU A 164 9.14 -4.20 -10.92
N THR A 165 7.98 -4.24 -10.28
CA THR A 165 6.74 -4.58 -10.96
C THR A 165 6.09 -3.33 -11.55
N ILE A 166 6.44 -2.16 -11.01
CA ILE A 166 6.01 -0.87 -11.55
C ILE A 166 7.20 0.08 -11.46
N ALA A 167 7.50 0.76 -12.56
CA ALA A 167 8.64 1.66 -12.64
C ALA A 167 8.32 2.96 -11.92
N HIS A 168 9.35 3.61 -11.36
CA HIS A 168 9.22 4.93 -10.76
C HIS A 168 8.10 4.97 -9.75
N PHE A 169 7.88 3.86 -9.02
CA PHE A 169 6.64 3.69 -8.24
C PHE A 169 6.51 4.77 -7.16
N HIS A 170 7.58 4.99 -6.42
CA HIS A 170 7.61 6.05 -5.40
C HIS A 170 8.63 7.11 -5.73
N ASP A 171 8.81 7.32 -7.03
CA ASP A 171 9.65 8.41 -7.53
C ASP A 171 8.74 9.64 -7.63
N THR A 172 8.65 10.38 -6.54
CA THR A 172 7.67 11.47 -6.45
C THR A 172 7.81 12.55 -7.55
N PRO A 173 9.06 12.94 -7.90
CA PRO A 173 9.20 13.88 -9.03
C PRO A 173 8.62 13.34 -10.34
N HIS A 174 8.80 12.03 -10.58
CA HIS A 174 8.17 11.41 -11.74
C HIS A 174 6.67 11.47 -11.64
N ARG A 175 6.14 11.17 -10.44
CA ARG A 175 4.68 11.26 -10.23
C ARG A 175 4.21 12.69 -10.50
N PHE A 176 5.01 13.67 -10.07
CA PHE A 176 4.69 15.08 -10.32
C PHE A 176 4.66 15.46 -11.81
N GLU A 177 5.58 14.91 -12.60
CA GLU A 177 5.52 15.05 -14.05
C GLU A 177 4.20 14.51 -14.62
N ASP A 178 3.77 13.34 -14.14
CA ASP A 178 2.49 12.77 -14.55
C ASP A 178 1.32 13.67 -14.18
N PHE A 179 1.36 14.19 -12.94
CA PHE A 179 0.35 15.13 -12.48
C PHE A 179 0.27 16.38 -13.37
N LYS A 180 1.43 16.98 -13.64
CA LYS A 180 1.50 18.19 -14.47
C LYS A 180 0.95 17.95 -15.87
N ALA A 181 1.22 16.77 -16.43
CA ALA A 181 0.68 16.39 -17.74
C ALA A 181 -0.85 16.28 -17.69
N ALA A 182 -1.37 15.56 -16.69
CA ALA A 182 -2.81 15.46 -16.45
C ALA A 182 -3.46 16.83 -16.27
N LEU A 183 -2.81 17.69 -15.50
CA LEU A 183 -3.30 19.04 -15.29
C LEU A 183 -3.34 19.84 -16.60
N ALA A 184 -2.26 19.81 -17.37
CA ALA A 184 -2.18 20.56 -18.63
C ALA A 184 -3.22 20.11 -19.65
N ALA A 185 -3.43 18.79 -19.76
CA ALA A 185 -4.42 18.25 -20.67
C ALA A 185 -5.85 18.56 -20.20
N ASP A 186 -6.10 18.48 -18.90
CA ASP A 186 -7.43 18.75 -18.32
C ASP A 186 -8.54 18.14 -19.18
N LYS A 187 -8.46 16.82 -19.35
CA LYS A 187 -9.27 16.07 -20.33
C LYS A 187 -10.78 16.28 -20.19
N LEU A 188 -11.26 16.34 -18.96
CA LEU A 188 -12.69 16.38 -18.68
C LEU A 188 -13.15 17.76 -18.22
N GLY A 189 -12.24 18.73 -18.23
CA GLY A 189 -12.55 20.07 -17.71
C GLY A 189 -12.84 20.08 -16.22
N ARG A 190 -12.22 19.15 -15.50
CA ARG A 190 -12.44 19.03 -14.05
C ARG A 190 -11.57 19.99 -13.24
N ALA A 191 -10.52 20.54 -13.86
CA ALA A 191 -9.58 21.41 -13.16
C ALA A 191 -10.24 22.66 -12.55
N ALA A 192 -11.23 23.22 -13.25
CA ALA A 192 -11.90 24.44 -12.79
C ALA A 192 -12.46 24.34 -11.38
N ALA A 193 -12.91 23.14 -11.02
CA ALA A 193 -13.58 22.91 -9.74
C ALA A 193 -12.60 22.58 -8.62
N CYS A 194 -11.31 22.45 -8.94
CA CYS A 194 -10.33 22.03 -7.93
C CYS A 194 -9.01 22.80 -7.97
N GLN A 195 -9.10 24.11 -8.20
CA GLN A 195 -7.91 24.96 -8.19
C GLN A 195 -7.14 24.94 -6.86
N PRO A 196 -7.84 24.99 -5.70
CA PRO A 196 -7.10 24.96 -4.43
C PRO A 196 -6.22 23.70 -4.27
N GLU A 197 -6.79 22.56 -4.66
CA GLU A 197 -6.09 21.29 -4.58
C GLU A 197 -4.93 21.22 -5.58
N ILE A 198 -5.18 21.65 -6.82
CA ILE A 198 -4.13 21.74 -7.83
C ILE A 198 -2.97 22.64 -7.36
N ASP A 199 -3.31 23.81 -6.83
CA ASP A 199 -2.28 24.78 -6.45
C ASP A 199 -1.49 24.31 -5.23
N PHE A 200 -2.13 23.53 -4.35
CA PHE A 200 -1.40 22.86 -3.26
C PHE A 200 -0.25 22.01 -3.80
N TYR A 201 -0.54 21.12 -4.75
CA TYR A 201 0.52 20.26 -5.30
C TYR A 201 1.60 21.01 -6.06
N LEU A 202 1.18 22.01 -6.86
CA LEU A 202 2.14 22.84 -7.60
C LEU A 202 3.09 23.60 -6.70
N SER A 203 2.55 24.14 -5.60
CA SER A 203 3.33 24.96 -4.69
C SER A 203 4.30 24.11 -3.86
N HIS A 204 4.07 22.81 -3.80
CA HIS A 204 4.96 21.95 -3.02
C HIS A 204 6.06 21.31 -3.84
N ALA A 205 6.20 21.75 -5.09
CA ALA A 205 7.11 21.10 -6.05
C ALA A 205 8.56 21.00 -5.58
N ASP A 206 9.00 21.93 -4.74
CA ASP A 206 10.39 21.97 -4.27
C ASP A 206 10.72 20.87 -3.26
N GLN A 207 9.69 20.18 -2.77
CA GLN A 207 9.85 19.21 -1.68
C GLN A 207 9.91 17.75 -2.17
N TYR A 208 9.53 17.52 -3.42
CA TYR A 208 9.29 16.15 -3.92
C TYR A 208 10.53 15.28 -4.14
N ALA A 209 11.69 15.91 -4.37
CA ALA A 209 12.88 15.15 -4.78
C ALA A 209 13.77 14.65 -3.65
N VAL A 210 13.44 14.98 -2.40
CA VAL A 210 14.36 14.74 -1.28
C VAL A 210 14.81 13.28 -1.11
N VAL A 211 13.87 12.34 -1.18
CA VAL A 211 14.25 10.93 -1.02
C VAL A 211 14.97 10.39 -2.27
N MET A 212 14.41 10.66 -3.45
CA MET A 212 15.06 10.24 -4.70
C MET A 212 16.48 10.79 -4.86
N ASP A 213 16.69 12.03 -4.43
CA ASP A 213 18.02 12.65 -4.51
C ASP A 213 19.00 11.91 -3.59
N GLY A 214 18.53 11.58 -2.39
CA GLY A 214 19.33 10.85 -1.40
C GLY A 214 19.66 9.42 -1.80
N LEU A 215 18.72 8.76 -2.47
CA LEU A 215 18.97 7.45 -3.04
C LEU A 215 20.03 7.53 -4.15
N ARG A 216 19.87 8.51 -5.04
CA ARG A 216 20.78 8.70 -6.17
C ARG A 216 22.22 9.03 -5.77
N ASP A 217 22.42 9.76 -4.68
CA ASP A 217 23.79 10.12 -4.27
C ASP A 217 24.39 9.20 -3.20
N GLY A 218 23.61 8.21 -2.77
CA GLY A 218 24.08 7.25 -1.79
C GLY A 218 23.89 7.63 -0.33
N SER A 219 23.35 8.81 -0.07
CA SER A 219 23.10 9.25 1.32
C SER A 219 21.87 8.60 1.96
N ILE A 220 21.06 7.91 1.16
CA ILE A 220 19.95 7.10 1.68
C ILE A 220 20.08 5.68 1.11
N PRO A 221 20.13 4.66 1.99
CA PRO A 221 20.32 3.28 1.52
C PRO A 221 19.18 2.79 0.64
N LEU A 222 19.52 2.10 -0.44
CA LEU A 222 18.55 1.39 -1.25
C LEU A 222 18.28 0.05 -0.57
N ARG A 223 17.01 -0.19 -0.23
CA ARG A 223 16.61 -1.41 0.48
C ARG A 223 15.50 -2.08 -0.33
N VAL A 224 15.21 -3.33 -0.03
CA VAL A 224 14.03 -3.97 -0.59
C VAL A 224 12.85 -3.63 0.33
N THR A 225 11.77 -3.13 -0.26
CA THR A 225 10.64 -2.61 0.53
C THR A 225 9.30 -3.14 0.05
N HIS A 226 8.27 -2.97 0.90
CA HIS A 226 6.92 -3.47 0.59
C HIS A 226 6.21 -2.55 -0.39
N ASN A 227 6.32 -1.24 -0.16
CA ASN A 227 5.82 -0.18 -1.07
C ASN A 227 4.32 0.11 -1.09
N ASP A 228 3.54 -0.63 -0.31
CA ASP A 228 2.13 -0.29 -0.13
C ASP A 228 1.66 -0.72 1.25
N THR A 229 2.19 -0.04 2.24
CA THR A 229 2.07 -0.47 3.63
C THR A 229 0.85 0.07 4.36
N LYS A 230 -0.22 0.40 3.63
CA LYS A 230 -1.44 0.84 4.31
C LYS A 230 -1.98 -0.24 5.24
N LEU A 231 -2.61 0.21 6.33
CA LEU A 231 -3.02 -0.67 7.42
C LEU A 231 -3.87 -1.88 7.01
N ASN A 232 -4.71 -1.71 6.00
CA ASN A 232 -5.58 -2.82 5.57
C ASN A 232 -4.86 -3.93 4.77
N ASN A 233 -3.54 -3.78 4.62
CA ASN A 233 -2.68 -4.82 4.04
C ASN A 233 -1.99 -5.71 5.08
N ILE A 234 -2.38 -5.55 6.35
CA ILE A 234 -1.96 -6.46 7.42
C ILE A 234 -3.20 -7.11 7.96
N LEU A 235 -3.08 -8.38 8.36
CA LEU A 235 -4.12 -9.08 9.08
C LEU A 235 -3.62 -9.36 10.50
N MET A 236 -4.45 -8.99 11.48
CA MET A 236 -4.18 -9.24 12.90
C MET A 236 -4.96 -10.46 13.37
N ASP A 237 -4.40 -11.24 14.30
CA ASP A 237 -5.14 -12.37 14.84
C ASP A 237 -6.33 -11.89 15.66
N ALA A 238 -7.47 -12.56 15.52
CA ALA A 238 -8.71 -12.16 16.19
C ALA A 238 -8.72 -12.40 17.70
N THR A 239 -7.82 -13.25 18.17
CA THR A 239 -7.67 -13.48 19.60
C THR A 239 -6.48 -12.70 20.17
N THR A 240 -5.30 -12.89 19.61
CA THR A 240 -4.09 -12.33 20.22
C THR A 240 -3.86 -10.86 19.90
N GLY A 241 -4.42 -10.39 18.78
CA GLY A 241 -4.12 -9.05 18.28
C GLY A 241 -2.76 -8.90 17.59
N LYS A 242 -1.94 -9.95 17.60
CA LYS A 242 -0.62 -9.90 16.92
C LYS A 242 -0.78 -10.06 15.40
N ALA A 243 0.08 -9.40 14.63
CA ALA A 243 0.08 -9.54 13.17
C ALA A 243 0.22 -11.00 12.75
N ARG A 244 -0.67 -11.45 11.86
CA ARG A 244 -0.63 -12.83 11.38
C ARG A 244 0.09 -12.91 10.05
N ALA A 245 -0.27 -12.01 9.14
CA ALA A 245 0.31 -11.99 7.80
C ALA A 245 0.26 -10.59 7.19
N ILE A 246 1.31 -10.29 6.44
CA ILE A 246 1.31 -9.12 5.56
C ILE A 246 0.82 -9.60 4.20
N ILE A 247 -0.17 -8.90 3.66
CA ILE A 247 -0.75 -9.31 2.40
C ILE A 247 -0.49 -8.22 1.35
N ASP A 248 -0.98 -8.43 0.13
CA ASP A 248 -0.80 -7.50 -0.99
C ASP A 248 0.69 -7.30 -1.31
N LEU A 249 1.32 -8.38 -1.75
CA LEU A 249 2.78 -8.44 -1.95
C LEU A 249 3.25 -8.01 -3.34
N ASP A 250 2.38 -7.34 -4.09
CA ASP A 250 2.63 -7.05 -5.50
C ASP A 250 3.74 -6.04 -5.79
N THR A 251 4.00 -5.14 -4.86
CA THR A 251 4.95 -4.04 -5.11
C THR A 251 6.26 -4.17 -4.32
N ILE A 252 6.56 -5.39 -3.86
CA ILE A 252 7.84 -5.65 -3.22
C ILE A 252 8.98 -5.51 -4.23
N MET A 253 9.86 -4.54 -3.98
CA MET A 253 10.93 -4.17 -4.90
C MET A 253 11.87 -3.17 -4.21
N PRO A 254 13.04 -2.86 -4.84
CA PRO A 254 13.96 -1.91 -4.23
C PRO A 254 13.28 -0.56 -3.96
N GLY A 255 13.70 0.10 -2.89
CA GLY A 255 13.16 1.40 -2.55
C GLY A 255 13.87 1.92 -1.32
N SER A 256 13.24 2.86 -0.65
CA SER A 256 13.74 3.33 0.62
C SER A 256 12.81 2.89 1.74
N MET A 257 13.38 2.54 2.88
CA MET A 257 12.64 2.37 4.14
C MET A 257 11.59 3.48 4.34
N LEU A 258 11.94 4.69 3.95
CA LEU A 258 11.04 5.84 4.09
C LEU A 258 9.75 5.71 3.30
N PHE A 259 9.77 4.99 2.18
CA PHE A 259 8.55 4.70 1.41
C PHE A 259 7.54 3.92 2.27
N ASP A 260 8.02 2.89 2.94
CA ASP A 260 7.16 2.04 3.77
C ASP A 260 6.70 2.78 5.02
N PHE A 261 7.62 3.50 5.65
CA PHE A 261 7.24 4.28 6.84
C PHE A 261 6.19 5.36 6.52
N GLY A 262 6.51 6.19 5.55
CA GLY A 262 5.67 7.33 5.16
C GLY A 262 4.26 6.96 4.77
N ASP A 263 4.15 5.91 3.96
CA ASP A 263 2.87 5.40 3.48
C ASP A 263 2.02 4.87 4.63
N SER A 264 2.66 4.21 5.61
CA SER A 264 1.95 3.74 6.78
C SER A 264 1.36 4.87 7.59
N ILE A 265 2.16 5.93 7.77
CA ILE A 265 1.72 7.12 8.50
C ILE A 265 0.60 7.83 7.75
N ARG A 266 0.74 7.92 6.43
CA ARG A 266 -0.27 8.51 5.55
C ARG A 266 -1.68 7.97 5.85
N PHE A 267 -1.80 6.63 5.82
CA PHE A 267 -3.08 5.94 5.91
C PHE A 267 -3.54 5.80 7.37
N GLY A 268 -2.59 5.45 8.24
CA GLY A 268 -2.90 5.01 9.59
C GLY A 268 -2.81 6.03 10.71
N ALA A 269 -2.07 7.12 10.51
CA ALA A 269 -2.03 8.19 11.52
C ALA A 269 -3.14 9.24 11.32
N SER A 270 -4.01 9.00 10.35
CA SER A 270 -5.20 9.82 10.16
C SER A 270 -6.31 9.37 11.11
N THR A 271 -7.09 10.33 11.59
CA THR A 271 -8.27 10.06 12.41
C THR A 271 -9.49 9.74 11.54
N ALA A 272 -9.31 9.68 10.22
CA ALA A 272 -10.43 9.44 9.32
C ALA A 272 -10.08 8.48 8.20
N LEU A 273 -11.12 8.01 7.50
CA LEU A 273 -10.94 7.19 6.31
C LEU A 273 -10.27 7.98 5.20
N GLU A 274 -9.64 7.24 4.30
CA GLU A 274 -8.97 7.83 3.15
C GLU A 274 -9.93 8.64 2.29
N ASP A 275 -11.21 8.24 2.26
CA ASP A 275 -12.21 8.91 1.44
C ASP A 275 -13.32 9.54 2.27
N GLU A 276 -12.95 10.00 3.46
CA GLU A 276 -13.89 10.70 4.35
C GLU A 276 -14.29 12.02 3.70
N LYS A 277 -15.61 12.22 3.52
CA LYS A 277 -16.14 13.41 2.87
C LYS A 277 -16.08 14.64 3.78
N ASP A 278 -16.23 14.41 5.08
CA ASP A 278 -16.29 15.48 6.06
C ASP A 278 -14.88 15.76 6.56
N LEU A 279 -14.28 16.84 6.03
CA LEU A 279 -12.90 17.22 6.32
C LEU A 279 -12.61 17.56 7.78
N SER A 280 -13.62 18.05 8.49
CA SER A 280 -13.47 18.39 9.92
C SER A 280 -13.14 17.16 10.76
N LYS A 281 -13.46 15.97 10.23
CA LYS A 281 -13.14 14.70 10.90
C LYS A 281 -11.70 14.25 10.60
N VAL A 282 -11.08 14.83 9.57
CA VAL A 282 -9.73 14.45 9.15
C VAL A 282 -8.64 15.20 9.91
N HIS A 283 -7.82 14.45 10.68
CA HIS A 283 -6.70 15.01 11.42
C HIS A 283 -5.51 14.09 11.40
N PHE A 284 -4.32 14.68 11.43
CA PHE A 284 -3.09 13.92 11.65
C PHE A 284 -2.83 13.74 13.15
N SER A 285 -2.78 12.49 13.59
CA SER A 285 -2.63 12.16 15.01
C SER A 285 -1.16 11.88 15.38
N THR A 286 -0.58 12.77 16.19
CA THR A 286 0.79 12.58 16.66
C THR A 286 0.89 11.39 17.64
N GLU A 287 -0.20 11.09 18.35
CA GLU A 287 -0.24 9.91 19.22
C GLU A 287 -0.16 8.62 18.39
N LEU A 288 -0.85 8.60 17.26
CA LEU A 288 -0.78 7.47 16.35
C LEU A 288 0.58 7.41 15.66
N PHE A 289 1.10 8.56 15.24
CA PHE A 289 2.47 8.64 14.73
C PHE A 289 3.45 7.98 15.71
N ARG A 290 3.36 8.36 16.98
CA ARG A 290 4.25 7.84 18.01
C ARG A 290 4.12 6.31 18.12
N ALA A 291 2.88 5.81 18.14
CA ALA A 291 2.62 4.38 18.31
C ALA A 291 3.28 3.55 17.20
N TYR A 292 3.04 3.96 15.95
CA TYR A 292 3.61 3.25 14.80
C TYR A 292 5.13 3.28 14.81
N THR A 293 5.70 4.46 15.07
CA THR A 293 7.14 4.66 15.08
C THR A 293 7.81 3.79 16.18
N GLU A 294 7.17 3.72 17.35
CA GLU A 294 7.68 2.88 18.44
C GLU A 294 7.82 1.42 17.99
N GLY A 295 6.77 0.89 17.37
CA GLY A 295 6.79 -0.47 16.82
C GLY A 295 7.81 -0.65 15.71
N PHE A 296 7.82 0.29 14.76
CA PHE A 296 8.65 0.26 13.56
C PHE A 296 10.14 0.33 13.91
N VAL A 297 10.54 1.43 14.54
CA VAL A 297 11.92 1.65 14.95
C VAL A 297 12.38 0.58 15.94
N GLY A 298 11.44 0.10 16.77
CA GLY A 298 11.71 -0.97 17.73
C GLY A 298 12.22 -2.24 17.07
N GLU A 299 11.88 -2.44 15.80
CA GLU A 299 12.37 -3.58 15.02
C GLU A 299 13.66 -3.26 14.25
N LEU A 300 13.87 -1.99 13.94
CA LEU A 300 14.92 -1.59 13.00
C LEU A 300 16.04 -0.75 13.60
N ARG A 301 16.01 -0.60 14.93
CA ARG A 301 16.99 0.25 15.63
C ARG A 301 18.44 -0.02 15.20
N GLY A 302 18.79 -1.28 15.00
CA GLY A 302 20.13 -1.66 14.58
C GLY A 302 20.51 -1.32 13.14
N SER A 303 19.53 -1.02 12.30
CA SER A 303 19.82 -0.77 10.88
C SER A 303 19.52 0.65 10.38
N ILE A 304 18.60 1.34 11.04
CA ILE A 304 18.23 2.72 10.61
C ILE A 304 19.43 3.69 10.70
N THR A 305 19.70 4.39 9.60
CA THR A 305 20.80 5.37 9.56
C THR A 305 20.36 6.75 10.09
N ALA A 306 21.33 7.62 10.30
CA ALA A 306 21.07 8.98 10.77
C ALA A 306 20.16 9.75 9.81
N ARG A 307 20.47 9.71 8.52
CA ARG A 307 19.69 10.42 7.51
C ARG A 307 18.26 9.88 7.36
N GLU A 308 18.11 8.55 7.47
CA GLU A 308 16.78 7.94 7.48
C GLU A 308 15.96 8.45 8.67
N ALA A 309 16.55 8.42 9.87
CA ALA A 309 15.85 8.89 11.07
C ALA A 309 15.43 10.36 10.98
N GLU A 310 16.29 11.17 10.38
CA GLU A 310 16.04 12.59 10.19
C GLU A 310 14.83 12.84 9.30
N LEU A 311 14.63 11.97 8.32
CA LEU A 311 13.57 12.13 7.32
C LEU A 311 12.27 11.38 7.65
N LEU A 312 12.20 10.72 8.80
CA LEU A 312 10.99 9.97 9.16
C LEU A 312 9.74 10.86 9.20
N PRO A 313 9.81 12.03 9.89
CA PRO A 313 8.63 12.90 9.88
C PRO A 313 8.26 13.36 8.49
N PHE A 314 9.25 13.81 7.71
CA PHE A 314 8.91 14.31 6.39
C PHE A 314 8.46 13.23 5.42
N SER A 315 8.90 11.99 5.64
CA SER A 315 8.43 10.89 4.77
C SER A 315 6.90 10.75 4.85
N GLY A 316 6.35 11.13 6.01
CA GLY A 316 4.89 11.22 6.15
C GLY A 316 4.31 12.21 5.16
N ASN A 317 4.82 13.44 5.17
CA ASN A 317 4.39 14.47 4.22
C ASN A 317 4.52 13.99 2.78
N LEU A 318 5.67 13.40 2.46
CA LEU A 318 6.02 13.09 1.08
C LEU A 318 5.14 12.00 0.49
N LEU A 319 4.94 10.91 1.21
CA LEU A 319 4.16 9.79 0.68
C LEU A 319 2.68 10.16 0.63
N THR A 320 2.26 11.02 1.55
CA THR A 320 0.88 11.53 1.56
C THR A 320 0.66 12.45 0.37
N MET A 321 1.62 13.36 0.11
CA MET A 321 1.52 14.23 -1.08
C MET A 321 1.56 13.43 -2.37
N GLU A 322 2.40 12.40 -2.41
CA GLU A 322 2.51 11.56 -3.60
C GLU A 322 1.19 10.85 -3.88
N CYS A 323 0.62 10.22 -2.85
CA CYS A 323 -0.64 9.51 -3.03
C CYS A 323 -1.73 10.52 -3.43
N GLY A 324 -1.72 11.67 -2.77
CA GLY A 324 -2.71 12.72 -3.05
C GLY A 324 -2.65 13.27 -4.47
N MET A 325 -1.45 13.55 -4.96
CA MET A 325 -1.32 14.07 -6.31
C MET A 325 -1.73 12.99 -7.33
N ARG A 326 -1.45 11.73 -7.00
CA ARG A 326 -1.92 10.60 -7.81
C ARG A 326 -3.45 10.54 -7.86
N PHE A 327 -4.11 10.70 -6.70
CA PHE A 327 -5.57 10.72 -6.66
C PHE A 327 -6.11 11.86 -7.53
N LEU A 328 -5.51 13.05 -7.38
CA LEU A 328 -5.99 14.20 -8.13
C LEU A 328 -5.73 14.09 -9.64
N ALA A 329 -4.54 13.63 -10.02
CA ALA A 329 -4.23 13.38 -11.43
C ALA A 329 -5.26 12.41 -12.04
N ASP A 330 -5.58 11.35 -11.30
CA ASP A 330 -6.58 10.38 -11.76
C ASP A 330 -7.95 11.05 -11.92
N TYR A 331 -8.34 11.86 -10.95
CA TYR A 331 -9.57 12.65 -11.07
C TYR A 331 -9.57 13.49 -12.35
N LEU A 332 -8.44 14.16 -12.63
CA LEU A 332 -8.33 15.03 -13.80
C LEU A 332 -8.34 14.24 -15.11
N GLU A 333 -7.98 12.97 -15.02
CA GLU A 333 -7.91 12.07 -16.17
C GLU A 333 -9.16 11.20 -16.36
N GLY A 334 -10.14 11.37 -15.48
CA GLY A 334 -11.39 10.61 -15.57
C GLY A 334 -11.34 9.23 -14.93
N ASP A 335 -10.48 9.09 -13.91
CA ASP A 335 -10.48 7.93 -13.02
C ASP A 335 -10.14 6.62 -13.74
N ILE A 336 -9.00 6.61 -14.39
CA ILE A 336 -8.54 5.46 -15.17
C ILE A 336 -7.68 4.50 -14.35
N TYR A 337 -7.11 4.99 -13.25
CA TYR A 337 -6.18 4.16 -12.47
C TYR A 337 -6.83 3.51 -11.25
N PHE A 338 -7.39 4.32 -10.35
CA PHE A 338 -8.00 3.83 -9.11
C PHE A 338 -9.47 3.47 -9.29
N ALA A 339 -9.87 2.35 -8.68
CA ALA A 339 -11.30 2.06 -8.51
C ALA A 339 -11.99 3.22 -7.79
N THR A 340 -13.15 3.62 -8.30
CA THR A 340 -13.98 4.66 -7.68
C THR A 340 -15.44 4.19 -7.62
N LYS A 341 -16.18 4.75 -6.67
CA LYS A 341 -17.59 4.41 -6.47
C LYS A 341 -18.56 5.50 -6.97
N TYR A 342 -18.03 6.70 -7.22
CA TYR A 342 -18.83 7.84 -7.66
C TYR A 342 -17.92 8.87 -8.37
N PRO A 343 -18.50 9.82 -9.13
CA PRO A 343 -17.67 10.68 -9.98
C PRO A 343 -16.57 11.47 -9.27
N GLU A 344 -16.86 12.00 -8.08
CA GLU A 344 -15.97 12.89 -7.34
C GLU A 344 -15.02 12.15 -6.37
N HIS A 345 -15.08 10.82 -6.39
CA HIS A 345 -14.38 10.00 -5.40
C HIS A 345 -12.91 10.32 -5.23
N ASN A 346 -12.18 10.42 -6.34
CA ASN A 346 -10.75 10.76 -6.28
C ASN A 346 -10.46 12.18 -5.79
N LEU A 347 -11.39 13.10 -6.02
CA LEU A 347 -11.26 14.45 -5.46
C LEU A 347 -11.48 14.44 -3.95
N VAL A 348 -12.44 13.63 -3.49
CA VAL A 348 -12.67 13.45 -2.07
C VAL A 348 -11.42 12.86 -1.41
N ARG A 349 -10.80 11.89 -2.09
CA ARG A 349 -9.58 11.24 -1.60
C ARG A 349 -8.40 12.22 -1.53
N THR A 350 -8.19 13.00 -2.59
CA THR A 350 -7.07 13.96 -2.59
C THR A 350 -7.23 15.01 -1.47
N ARG A 351 -8.47 15.39 -1.17
CA ARG A 351 -8.71 16.38 -0.13
C ARG A 351 -8.33 15.92 1.27
N THR A 352 -8.54 14.64 1.60
CA THR A 352 -8.11 14.14 2.91
C THR A 352 -6.58 14.17 3.01
N GLN A 353 -5.90 13.80 1.92
CA GLN A 353 -4.44 13.77 1.89
C GLN A 353 -3.85 15.19 2.09
N ILE A 354 -4.46 16.17 1.45
CA ILE A 354 -4.04 17.57 1.62
C ILE A 354 -4.20 18.03 3.07
N LYS A 355 -5.38 17.80 3.64
CA LYS A 355 -5.66 18.13 5.05
C LYS A 355 -4.64 17.47 6.00
N LEU A 356 -4.33 16.20 5.74
CA LEU A 356 -3.31 15.52 6.54
C LEU A 356 -1.94 16.18 6.48
N VAL A 357 -1.49 16.53 5.27
CA VAL A 357 -0.19 17.17 5.08
C VAL A 357 -0.17 18.54 5.76
N GLN A 358 -1.27 19.28 5.65
CA GLN A 358 -1.37 20.59 6.30
C GLN A 358 -1.14 20.47 7.80
N GLU A 359 -1.69 19.41 8.40
CA GLU A 359 -1.49 19.18 9.84
C GLU A 359 -0.11 18.65 10.16
N MET A 360 0.45 17.82 9.28
CA MET A 360 1.82 17.33 9.43
C MET A 360 2.84 18.47 9.41
N GLU A 361 2.62 19.44 8.54
CA GLU A 361 3.46 20.64 8.48
C GLU A 361 3.38 21.40 9.79
N GLN A 362 2.16 21.62 10.26
CA GLN A 362 1.93 22.40 11.48
C GLN A 362 2.50 21.70 12.71
N LYS A 363 2.44 20.38 12.72
CA LYS A 363 2.91 19.57 13.85
C LYS A 363 4.33 19.04 13.69
N ALA A 364 5.07 19.59 12.73
CA ALA A 364 6.43 19.13 12.39
C ALA A 364 7.39 19.03 13.59
N SER A 365 7.47 20.08 14.40
CA SER A 365 8.39 20.08 15.54
C SER A 365 8.04 18.96 16.53
N GLU A 366 6.75 18.71 16.71
CA GLU A 366 6.28 17.64 17.59
C GLU A 366 6.66 16.25 17.09
N THR A 367 6.53 16.01 15.79
CA THR A 367 6.91 14.73 15.19
C THR A 367 8.43 14.52 15.22
N ARG A 368 9.19 15.59 14.98
CA ARG A 368 10.65 15.56 15.08
C ARG A 368 11.06 15.13 16.49
N ALA A 369 10.41 15.74 17.49
CA ALA A 369 10.70 15.45 18.90
C ALA A 369 10.36 14.01 19.24
N ILE A 370 9.20 13.55 18.76
CA ILE A 370 8.79 12.15 18.94
C ILE A 370 9.84 11.18 18.38
N VAL A 371 10.33 11.44 17.18
CA VAL A 371 11.35 10.60 16.55
C VAL A 371 12.65 10.57 17.38
N ALA A 372 13.12 11.75 17.77
CA ALA A 372 14.33 11.91 18.58
C ALA A 372 14.22 11.13 19.90
N ASP A 373 13.06 11.25 20.53
CA ASP A 373 12.78 10.56 21.79
C ASP A 373 12.82 9.04 21.63
N ILE A 374 12.25 8.54 20.54
CA ILE A 374 12.25 7.10 20.27
C ILE A 374 13.66 6.60 19.89
N MET A 375 14.42 7.45 19.18
CA MET A 375 15.74 7.06 18.69
C MET A 375 16.77 6.85 19.81
N GLU A 376 16.68 7.64 20.87
CA GLU A 376 17.56 7.49 22.03
C GLU A 376 17.15 6.30 22.90
N ALA A 377 15.85 6.12 23.11
CA ALA A 377 15.30 5.05 23.92
C ALA A 377 15.17 3.76 23.12
O5 A2G B . -3.82 2.53 -3.33
C1 A2G B . -3.20 1.41 -4.01
O1 A2G B . -3.04 0.29 -3.10
C2 A2G B . -1.84 1.84 -4.60
N2 A2G B . -1.14 0.70 -5.21
C3 A2G B . -0.96 2.54 -3.54
O3 A2G B . 0.28 2.98 -4.13
C4 A2G B . -1.72 3.74 -2.98
O4 A2G B . -2.01 4.67 -4.05
C5 A2G B . -3.00 3.18 -2.34
C6 A2G B . -3.84 4.26 -1.69
O6 A2G B . -4.89 3.62 -0.95
C7 A2G B . -0.75 0.72 -6.50
O7 A2G B . -0.92 1.69 -7.25
C8 A2G B . -0.07 -0.56 -7.00
#